data_2UZF
#
_entry.id   2UZF
#
_cell.length_a   120.008
_cell.length_b   120.008
_cell.length_c   120.008
_cell.angle_alpha   90.00
_cell.angle_beta   90.00
_cell.angle_gamma   90.00
#
_symmetry.space_group_name_H-M   'P 21 3'
#
loop_
_entity.id
_entity.type
_entity.pdbx_description
1 polymer 'NAPHTHOATE SYNTHASE'
2 non-polymer 'ACETOACETYL-COENZYME A'
3 water water
#
_entity_poly.entity_id   1
_entity_poly.type   'polypeptide(L)'
_entity_poly.pdbx_seq_one_letter_code
;MTNRQWETLREYDEIKYEFYEGIAKVTINRPEVRNAFTPKTVAEMIDAFSRARDDQNVSVIVLTGEGDLAFCSGGDQKKR
GHGGYVGEDQIPRLNVLDLQRLIRIIPKPVIAMVKGYAVGGGNVLNVVCDLTIAADNAIFGQTGPKVGSFDAGYGSGYLA
RIVGHKKAREIWYLCRQYNAQEALDMGLVNTVVPLEKVEDETVQWCKEIMKHSPTALRFLKAAMNADTDGLAGLQQMAGD
ATLLYYTTDEAKEGRDAFKEKRDPDFDQFPKFP
;
_entity_poly.pdbx_strand_id   A,B
#
loop_
_chem_comp.id
_chem_comp.type
_chem_comp.name
_chem_comp.formula
CAA non-polymer 'ACETOACETYL-COENZYME A' 'C25 H40 N7 O18 P3 S'
#
# COMPACT_ATOMS: atom_id res chain seq x y z
N TRP A 6 16.24 -19.85 -22.36
CA TRP A 6 15.33 -19.88 -21.19
C TRP A 6 15.49 -18.66 -20.28
N GLU A 7 14.86 -17.54 -20.67
CA GLU A 7 14.69 -16.36 -19.81
C GLU A 7 15.99 -15.61 -19.45
N THR A 8 15.95 -14.27 -19.50
CA THR A 8 17.14 -13.44 -19.20
C THR A 8 17.31 -13.27 -17.68
N LEU A 9 17.82 -12.13 -17.21
CA LEU A 9 18.02 -11.90 -15.76
C LEU A 9 18.49 -10.49 -15.34
N ARG A 10 18.05 -10.07 -14.14
CA ARG A 10 18.47 -8.80 -13.52
CA ARG A 10 18.51 -8.82 -13.53
C ARG A 10 19.07 -9.05 -12.13
N GLU A 11 20.15 -8.30 -11.82
CA GLU A 11 20.97 -8.46 -10.60
C GLU A 11 20.25 -8.45 -9.25
N TYR A 12 20.25 -9.60 -8.57
CA TYR A 12 19.75 -9.71 -7.19
C TYR A 12 20.51 -10.77 -6.38
N ASP A 13 20.55 -10.59 -5.06
CA ASP A 13 21.33 -11.45 -4.16
C ASP A 13 20.59 -12.69 -3.65
N GLU A 14 19.32 -12.54 -3.28
CA GLU A 14 18.58 -13.64 -2.67
C GLU A 14 17.36 -14.06 -3.49
N ILE A 15 17.06 -13.30 -4.53
CA ILE A 15 15.97 -13.63 -5.45
C ILE A 15 16.45 -13.59 -6.89
N LYS A 16 15.63 -14.11 -7.81
CA LYS A 16 15.93 -14.03 -9.23
C LYS A 16 14.80 -13.32 -9.99
N TYR A 17 15.19 -12.40 -10.87
CA TYR A 17 14.25 -11.60 -11.64
C TYR A 17 14.55 -11.82 -13.13
N GLU A 18 13.67 -12.57 -13.77
CA GLU A 18 13.88 -13.02 -15.16
C GLU A 18 12.70 -12.68 -16.07
N PHE A 19 12.85 -12.94 -17.37
CA PHE A 19 11.86 -12.50 -18.35
C PHE A 19 11.72 -13.46 -19.53
N TYR A 20 10.49 -13.82 -19.87
CA TYR A 20 10.21 -14.68 -21.01
C TYR A 20 9.02 -14.21 -21.84
N GLU A 21 9.31 -13.65 -23.01
CA GLU A 21 8.31 -13.28 -24.03
C GLU A 21 7.09 -12.53 -23.49
N GLY A 22 7.31 -11.60 -22.56
CA GLY A 22 6.24 -10.81 -21.96
C GLY A 22 5.98 -11.12 -20.50
N ILE A 23 6.44 -12.29 -20.05
CA ILE A 23 6.29 -12.70 -18.67
C ILE A 23 7.48 -12.27 -17.83
N ALA A 24 7.22 -11.65 -16.68
CA ALA A 24 8.27 -11.43 -15.68
C ALA A 24 8.19 -12.53 -14.63
N LYS A 25 9.35 -12.98 -14.16
CA LYS A 25 9.43 -14.11 -13.24
C LYS A 25 10.27 -13.78 -12.01
N VAL A 26 9.59 -13.48 -10.90
CA VAL A 26 10.24 -13.30 -9.61
C VAL A 26 10.40 -14.67 -8.93
N THR A 27 11.64 -15.02 -8.62
CA THR A 27 11.97 -16.32 -8.07
C THR A 27 12.65 -16.15 -6.71
N ILE A 28 12.14 -16.82 -5.68
CA ILE A 28 12.80 -16.84 -4.38
C ILE A 28 14.00 -17.79 -4.43
N ASN A 29 15.20 -17.24 -4.36
CA ASN A 29 16.44 -18.00 -4.54
C ASN A 29 17.14 -18.29 -3.21
N ARG A 30 16.46 -19.04 -2.34
CA ARG A 30 17.04 -19.49 -1.07
C ARG A 30 16.68 -20.95 -0.78
N PRO A 31 16.97 -21.86 -1.73
CA PRO A 31 16.55 -23.27 -1.61
C PRO A 31 17.18 -24.02 -0.43
N GLU A 32 18.32 -23.53 0.05
CA GLU A 32 19.04 -24.14 1.18
C GLU A 32 18.20 -24.08 2.46
N VAL A 33 17.51 -22.95 2.65
CA VAL A 33 16.62 -22.75 3.78
C VAL A 33 15.16 -23.01 3.33
N ARG A 34 15.04 -23.63 2.15
CA ARG A 34 13.75 -24.06 1.57
C ARG A 34 12.88 -22.85 1.17
N ASN A 35 13.53 -21.80 0.71
CA ASN A 35 12.91 -20.58 0.17
C ASN A 35 12.22 -19.66 1.18
N ALA A 36 12.61 -19.78 2.45
CA ALA A 36 12.19 -18.84 3.48
C ALA A 36 12.74 -17.45 3.20
N PHE A 37 11.99 -16.42 3.56
CA PHE A 37 12.42 -15.04 3.33
C PHE A 37 12.96 -14.33 4.57
N THR A 38 14.04 -13.57 4.35
CA THR A 38 14.55 -12.64 5.34
C THR A 38 13.93 -11.26 5.01
N PRO A 39 14.15 -10.23 5.87
CA PRO A 39 13.74 -8.88 5.46
C PRO A 39 14.37 -8.42 4.15
N LYS A 40 15.62 -8.79 3.90
CA LYS A 40 16.31 -8.44 2.65
C LYS A 40 15.65 -9.09 1.45
N THR A 41 15.23 -10.34 1.60
CA THR A 41 14.56 -11.08 0.55
C THR A 41 13.27 -10.37 0.12
N VAL A 42 12.44 -10.01 1.10
CA VAL A 42 11.19 -9.28 0.84
C VAL A 42 11.49 -7.96 0.14
N ALA A 43 12.45 -7.22 0.68
CA ALA A 43 12.86 -5.92 0.11
C ALA A 43 13.31 -6.04 -1.35
N GLU A 44 13.95 -7.15 -1.68
CA GLU A 44 14.32 -7.45 -3.07
C GLU A 44 13.08 -7.76 -3.92
N MET A 45 12.16 -8.57 -3.37
CA MET A 45 10.91 -8.89 -4.05
C MET A 45 10.05 -7.67 -4.35
N ILE A 46 9.95 -6.75 -3.37
CA ILE A 46 9.21 -5.51 -3.54
C ILE A 46 9.81 -4.69 -4.67
N ASP A 47 11.13 -4.55 -4.67
CA ASP A 47 11.87 -3.84 -5.72
C ASP A 47 11.62 -4.48 -7.07
N ALA A 48 11.69 -5.80 -7.12
CA ALA A 48 11.52 -6.57 -8.35
C ALA A 48 10.12 -6.36 -8.93
N PHE A 49 9.11 -6.44 -8.08
CA PHE A 49 7.73 -6.20 -8.48
C PHE A 49 7.48 -4.77 -8.92
N SER A 50 8.11 -3.82 -8.21
CA SER A 50 8.00 -2.39 -8.53
C SER A 50 8.52 -2.09 -9.92
N ARG A 51 9.59 -2.78 -10.31
CA ARG A 51 10.17 -2.68 -11.65
C ARG A 51 9.30 -3.42 -12.66
N ALA A 52 8.71 -4.53 -12.23
CA ALA A 52 7.79 -5.29 -13.06
C ALA A 52 6.53 -4.50 -13.37
N ARG A 53 6.08 -3.72 -12.39
CA ARG A 53 4.91 -2.86 -12.56
C ARG A 53 5.13 -1.80 -13.64
N ASP A 54 6.33 -1.21 -13.65
CA ASP A 54 6.67 -0.11 -14.55
C ASP A 54 7.05 -0.52 -15.97
N ASP A 55 7.76 -1.63 -16.10
CA ASP A 55 8.26 -2.09 -17.40
C ASP A 55 7.15 -2.44 -18.39
N GLN A 56 7.00 -1.60 -19.42
CA GLN A 56 5.93 -1.76 -20.42
C GLN A 56 6.02 -3.07 -21.23
N ASN A 57 7.17 -3.74 -21.15
CA ASN A 57 7.40 -4.98 -21.88
C ASN A 57 6.69 -6.18 -21.25
N VAL A 58 6.51 -6.14 -19.92
CA VAL A 58 5.90 -7.25 -19.20
C VAL A 58 4.39 -7.08 -19.06
N SER A 59 3.66 -8.20 -19.18
CA SER A 59 2.21 -8.19 -19.07
C SER A 59 1.69 -9.04 -17.91
N VAL A 60 2.40 -10.13 -17.61
CA VAL A 60 2.04 -11.00 -16.49
C VAL A 60 3.27 -11.30 -15.62
N ILE A 61 3.06 -11.31 -14.31
CA ILE A 61 4.11 -11.65 -13.36
C ILE A 61 3.86 -13.03 -12.75
N VAL A 62 4.94 -13.79 -12.55
CA VAL A 62 4.84 -15.07 -11.83
C VAL A 62 5.79 -15.13 -10.63
N LEU A 63 5.28 -15.63 -9.51
CA LEU A 63 6.09 -15.84 -8.31
C LEU A 63 6.29 -17.33 -8.08
N THR A 64 7.53 -17.71 -7.75
CA THR A 64 7.89 -19.11 -7.58
C THR A 64 9.17 -19.27 -6.73
N GLY A 65 9.48 -20.51 -6.37
CA GLY A 65 10.72 -20.85 -5.67
C GLY A 65 11.79 -21.29 -6.64
N GLU A 66 13.02 -21.41 -6.16
CA GLU A 66 14.17 -21.70 -7.02
C GLU A 66 14.09 -23.05 -7.74
N GLY A 67 14.38 -24.13 -7.03
CA GLY A 67 14.28 -25.48 -7.59
C GLY A 67 12.91 -26.07 -7.29
N ASP A 68 12.85 -27.38 -7.18
CA ASP A 68 11.63 -28.05 -6.73
C ASP A 68 11.60 -28.07 -5.20
N LEU A 69 10.70 -28.88 -4.64
CA LEU A 69 10.61 -29.07 -3.18
C LEU A 69 10.03 -27.88 -2.41
N ALA A 70 10.19 -26.68 -2.94
CA ALA A 70 9.75 -25.48 -2.22
C ALA A 70 9.21 -24.35 -3.11
N PHE A 71 8.27 -23.60 -2.53
CA PHE A 71 7.80 -22.33 -3.07
C PHE A 71 8.27 -21.26 -2.11
N CYS A 72 7.90 -21.42 -0.83
CA CYS A 72 8.28 -20.49 0.23
C CYS A 72 7.99 -21.08 1.61
N SER A 73 8.79 -20.67 2.60
CA SER A 73 8.65 -21.19 3.96
C SER A 73 8.16 -20.14 4.97
N GLY A 74 8.54 -18.88 4.76
CA GLY A 74 8.19 -17.80 5.67
C GLY A 74 9.41 -17.08 6.21
N GLY A 75 9.43 -16.86 7.52
CA GLY A 75 10.58 -16.24 8.19
C GLY A 75 11.64 -17.28 8.52
N ASP A 76 12.49 -16.99 9.50
CA ASP A 76 13.53 -17.94 9.94
C ASP A 76 14.33 -17.52 11.18
N GLN A 77 15.39 -16.74 10.92
CA GLN A 77 16.39 -16.31 11.91
C GLN A 77 17.35 -17.43 12.34
N LYS A 78 17.23 -18.60 11.70
CA LYS A 78 18.09 -19.74 11.98
C LYS A 78 19.22 -19.85 10.96
N GLY A 87 16.24 -8.03 11.10
CA GLY A 87 17.04 -8.70 10.09
C GLY A 87 18.44 -8.12 9.95
N GLU A 88 18.65 -7.37 8.87
CA GLU A 88 19.94 -6.73 8.59
C GLU A 88 20.11 -5.50 9.47
N ASP A 89 19.73 -4.34 8.93
CA ASP A 89 19.44 -3.10 9.65
C ASP A 89 20.38 -2.61 10.81
N GLN A 90 20.25 -3.05 12.07
CA GLN A 90 19.26 -3.99 12.61
C GLN A 90 17.98 -3.28 13.05
N ILE A 91 16.85 -3.86 12.68
CA ILE A 91 15.51 -3.38 13.02
C ILE A 91 14.52 -4.51 12.71
N PRO A 92 13.68 -4.87 13.69
CA PRO A 92 12.63 -5.87 13.45
C PRO A 92 11.60 -5.34 12.46
N ARG A 93 11.86 -5.54 11.17
CA ARG A 93 10.94 -5.18 10.10
C ARG A 93 9.88 -6.25 9.92
N LEU A 94 8.76 -5.85 9.32
CA LEU A 94 7.72 -6.80 8.92
C LEU A 94 7.21 -6.42 7.52
N ASN A 95 8.15 -6.00 6.67
CA ASN A 95 7.90 -5.54 5.31
C ASN A 95 7.21 -6.57 4.41
N VAL A 96 7.10 -7.80 4.94
CA VAL A 96 6.35 -8.88 4.29
C VAL A 96 4.97 -8.38 3.86
N LEU A 97 4.39 -7.52 4.69
CA LEU A 97 3.05 -6.99 4.46
C LEU A 97 3.01 -5.93 3.37
N ASP A 98 4.12 -5.22 3.18
CA ASP A 98 4.21 -4.25 2.08
C ASP A 98 4.07 -4.97 0.74
N LEU A 99 4.76 -6.10 0.61
CA LEU A 99 4.71 -6.94 -0.57
C LEU A 99 3.30 -7.45 -0.84
N GLN A 100 2.65 -7.93 0.21
CA GLN A 100 1.28 -8.43 0.12
C GLN A 100 0.38 -7.43 -0.59
N ARG A 101 0.44 -6.18 -0.17
CA ARG A 101 -0.34 -5.11 -0.77
C ARG A 101 0.10 -4.80 -2.20
N LEU A 102 1.40 -4.88 -2.45
CA LEU A 102 1.96 -4.49 -3.74
C LEU A 102 1.43 -5.34 -4.89
N ILE A 103 1.52 -6.66 -4.77
CA ILE A 103 1.18 -7.54 -5.89
C ILE A 103 -0.29 -7.43 -6.31
N ARG A 104 -1.14 -6.97 -5.41
CA ARG A 104 -2.57 -6.86 -5.72
C ARG A 104 -3.01 -5.44 -6.08
N ILE A 105 -2.09 -4.47 -6.00
CA ILE A 105 -2.32 -3.15 -6.61
C ILE A 105 -1.67 -3.05 -7.98
N ILE A 106 -0.69 -3.90 -8.25
CA ILE A 106 -0.06 -3.98 -9.57
C ILE A 106 -1.09 -4.34 -10.64
N PRO A 107 -1.27 -3.47 -11.65
CA PRO A 107 -2.25 -3.67 -12.72
C PRO A 107 -1.86 -4.81 -13.68
N LYS A 108 -1.19 -5.82 -13.16
CA LYS A 108 -0.79 -7.00 -13.91
C LYS A 108 -1.05 -8.25 -13.06
N PRO A 109 -1.67 -9.27 -13.67
CA PRO A 109 -1.91 -10.53 -12.97
C PRO A 109 -0.65 -11.14 -12.38
N VAL A 110 -0.75 -11.60 -11.13
CA VAL A 110 0.36 -12.26 -10.46
C VAL A 110 0.00 -13.72 -10.20
N ILE A 111 0.76 -14.61 -10.84
CA ILE A 111 0.49 -16.04 -10.81
C ILE A 111 1.51 -16.79 -9.95
N ALA A 112 1.01 -17.57 -9.00
CA ALA A 112 1.86 -18.36 -8.11
C ALA A 112 2.13 -19.76 -8.69
N MET A 113 3.37 -20.00 -9.10
CA MET A 113 3.78 -21.29 -9.63
C MET A 113 4.40 -22.14 -8.53
N VAL A 114 3.56 -22.75 -7.71
CA VAL A 114 4.01 -23.56 -6.58
C VAL A 114 4.55 -24.90 -7.06
N LYS A 115 5.79 -25.21 -6.72
CA LYS A 115 6.41 -26.48 -7.08
C LYS A 115 6.95 -27.24 -5.86
N GLY A 116 6.16 -27.28 -4.79
CA GLY A 116 6.54 -27.97 -3.56
C GLY A 116 5.84 -27.42 -2.33
N TYR A 117 6.60 -27.20 -1.26
CA TYR A 117 6.06 -26.67 -0.01
C TYR A 117 5.72 -25.19 -0.12
N ALA A 118 4.45 -24.86 0.12
CA ALA A 118 4.02 -23.47 0.30
C ALA A 118 3.34 -23.39 1.66
N VAL A 119 4.14 -23.22 2.70
CA VAL A 119 3.63 -23.24 4.07
C VAL A 119 3.91 -21.95 4.83
N GLY A 120 3.10 -21.68 5.85
CA GLY A 120 3.27 -20.51 6.71
C GLY A 120 3.07 -19.22 5.96
N GLY A 121 4.05 -18.32 6.05
CA GLY A 121 4.03 -17.06 5.32
C GLY A 121 4.02 -17.31 3.83
N GLY A 122 4.70 -18.38 3.42
CA GLY A 122 4.77 -18.79 2.03
C GLY A 122 3.43 -19.05 1.38
N ASN A 123 2.49 -19.59 2.14
CA ASN A 123 1.14 -19.84 1.64
C ASN A 123 0.31 -18.55 1.49
N VAL A 124 0.55 -17.58 2.37
CA VAL A 124 -0.16 -16.31 2.33
C VAL A 124 0.20 -15.55 1.05
N LEU A 125 1.48 -15.59 0.69
CA LEU A 125 1.95 -15.04 -0.58
C LEU A 125 1.29 -15.75 -1.75
N ASN A 126 1.05 -17.05 -1.57
CA ASN A 126 0.38 -17.85 -2.57
C ASN A 126 -1.07 -17.43 -2.77
N VAL A 127 -1.80 -17.24 -1.67
CA VAL A 127 -3.23 -16.93 -1.76
C VAL A 127 -3.50 -15.52 -2.29
N VAL A 128 -2.59 -14.59 -2.00
CA VAL A 128 -2.74 -13.20 -2.44
C VAL A 128 -2.44 -13.04 -3.95
N CYS A 129 -1.71 -13.99 -4.52
CA CYS A 129 -1.51 -14.05 -5.97
C CYS A 129 -2.83 -14.37 -6.66
N ASP A 130 -3.14 -13.63 -7.72
CA ASP A 130 -4.42 -13.76 -8.43
C ASP A 130 -4.76 -15.20 -8.75
N LEU A 131 -3.83 -15.88 -9.40
CA LEU A 131 -4.00 -17.28 -9.81
C LEU A 131 -2.88 -18.13 -9.26
N THR A 132 -3.14 -19.43 -9.18
CA THR A 132 -2.15 -20.37 -8.69
C THR A 132 -2.03 -21.59 -9.60
N ILE A 133 -0.83 -21.82 -10.12
CA ILE A 133 -0.53 -23.05 -10.85
C ILE A 133 0.21 -23.98 -9.90
N ALA A 134 -0.36 -25.15 -9.66
CA ALA A 134 0.17 -26.09 -8.69
C ALA A 134 0.78 -27.32 -9.37
N ALA A 135 2.01 -27.64 -8.99
CA ALA A 135 2.62 -28.90 -9.36
C ALA A 135 2.08 -29.97 -8.42
N ASP A 136 1.96 -31.19 -8.93
CA ASP A 136 1.49 -32.33 -8.12
C ASP A 136 2.26 -32.47 -6.81
N ASN A 137 3.52 -32.03 -6.85
CA ASN A 137 4.43 -32.06 -5.70
C ASN A 137 4.00 -31.19 -4.52
N ALA A 138 3.16 -30.19 -4.79
CA ALA A 138 2.87 -29.11 -3.84
C ALA A 138 2.15 -29.53 -2.56
N ILE A 139 2.59 -28.92 -1.46
CA ILE A 139 1.93 -29.06 -0.16
C ILE A 139 1.65 -27.68 0.44
N PHE A 140 0.41 -27.45 0.84
CA PHE A 140 -0.03 -26.15 1.34
C PHE A 140 -0.42 -26.23 2.80
N GLY A 141 -0.18 -25.14 3.54
CA GLY A 141 -0.56 -25.06 4.94
C GLY A 141 -0.13 -23.81 5.67
N GLN A 142 -0.73 -23.58 6.82
CA GLN A 142 -0.32 -22.52 7.74
C GLN A 142 0.31 -23.14 8.98
N THR A 143 1.38 -22.54 9.47
CA THR A 143 2.12 -23.09 10.60
C THR A 143 2.19 -22.12 11.79
N GLY A 144 1.65 -20.92 11.59
CA GLY A 144 1.67 -19.85 12.58
C GLY A 144 1.56 -20.23 14.05
N PRO A 145 0.38 -20.72 14.48
CA PRO A 145 0.16 -21.12 15.87
C PRO A 145 1.00 -22.30 16.37
N LYS A 146 1.78 -22.93 15.49
CA LYS A 146 2.75 -23.94 15.90
C LYS A 146 4.14 -23.30 16.07
N VAL A 147 4.34 -22.16 15.41
CA VAL A 147 5.62 -21.46 15.40
C VAL A 147 5.53 -20.06 16.04
N GLY A 148 4.48 -19.85 16.84
CA GLY A 148 4.29 -18.59 17.57
C GLY A 148 4.09 -17.39 16.66
N SER A 149 3.22 -17.54 15.67
CA SER A 149 2.95 -16.50 14.69
C SER A 149 1.52 -16.61 14.17
N PHE A 150 1.13 -15.68 13.30
CA PHE A 150 -0.14 -15.72 12.56
C PHE A 150 -0.27 -14.57 11.58
N ASP A 151 -0.90 -14.83 10.44
CA ASP A 151 -1.31 -13.78 9.52
C ASP A 151 -2.83 -13.63 9.63
N ALA A 152 -3.24 -12.62 10.40
CA ALA A 152 -4.65 -12.39 10.67
C ALA A 152 -5.29 -11.42 9.68
N GLY A 153 -4.48 -10.88 8.77
CA GLY A 153 -4.98 -9.98 7.72
C GLY A 153 -5.45 -10.74 6.49
N TYR A 154 -4.67 -10.67 5.41
CA TYR A 154 -5.00 -11.35 4.16
C TYR A 154 -4.91 -12.87 4.28
N GLY A 155 -4.15 -13.35 5.26
CA GLY A 155 -4.00 -14.79 5.52
C GLY A 155 -5.24 -15.45 6.11
N SER A 156 -6.11 -14.64 6.69
CA SER A 156 -7.32 -15.14 7.33
C SER A 156 -8.55 -14.75 6.52
N GLY A 157 -8.87 -13.46 6.54
CA GLY A 157 -10.05 -12.94 5.86
C GLY A 157 -10.13 -13.30 4.39
N TYR A 158 -9.07 -13.01 3.65
CA TYR A 158 -9.02 -13.23 2.21
C TYR A 158 -9.02 -14.72 1.84
N LEU A 159 -8.50 -15.53 2.75
CA LEU A 159 -8.50 -16.98 2.57
C LEU A 159 -9.92 -17.53 2.59
N ALA A 160 -10.72 -17.04 3.53
CA ALA A 160 -12.12 -17.40 3.61
C ALA A 160 -12.86 -17.03 2.32
N ARG A 161 -12.40 -15.96 1.68
CA ARG A 161 -13.00 -15.45 0.44
C ARG A 161 -12.64 -16.30 -0.79
N ILE A 162 -11.93 -17.39 -0.55
CA ILE A 162 -11.62 -18.37 -1.60
C ILE A 162 -12.27 -19.70 -1.25
N VAL A 163 -11.89 -20.25 -0.10
CA VAL A 163 -12.22 -21.62 0.28
C VAL A 163 -13.53 -21.78 1.07
N GLY A 164 -14.02 -20.68 1.62
CA GLY A 164 -15.16 -20.73 2.54
C GLY A 164 -14.64 -20.69 3.97
N HIS A 165 -15.42 -20.08 4.85
CA HIS A 165 -14.98 -19.88 6.24
C HIS A 165 -14.55 -21.15 6.97
N LYS A 166 -15.35 -22.21 6.87
CA LYS A 166 -15.05 -23.49 7.52
C LYS A 166 -13.64 -24.01 7.21
N LYS A 167 -13.28 -23.99 5.92
CA LYS A 167 -11.96 -24.46 5.48
C LYS A 167 -10.81 -23.55 5.94
N ALA A 168 -11.07 -22.24 5.93
CA ALA A 168 -10.08 -21.27 6.42
C ALA A 168 -9.87 -21.45 7.92
N ARG A 169 -10.99 -21.61 8.64
CA ARG A 169 -10.97 -21.92 10.06
C ARG A 169 -10.19 -23.22 10.31
N GLU A 170 -10.36 -24.19 9.41
CA GLU A 170 -9.70 -25.49 9.51
C GLU A 170 -8.16 -25.39 9.40
N ILE A 171 -7.69 -24.72 8.36
CA ILE A 171 -6.25 -24.74 8.05
C ILE A 171 -5.40 -23.95 9.05
N TRP A 172 -6.05 -23.00 9.74
CA TRP A 172 -5.37 -22.19 10.75
C TRP A 172 -5.35 -22.84 12.14
N TYR A 173 -6.44 -23.51 12.50
CA TYR A 173 -6.61 -24.09 13.83
C TYR A 173 -5.84 -25.41 13.96
N LEU A 174 -6.03 -26.32 13.02
CA LEU A 174 -5.37 -27.62 13.04
C LEU A 174 -3.97 -27.59 12.42
N CYS A 175 -3.73 -26.61 11.57
CA CYS A 175 -2.44 -26.40 10.90
C CYS A 175 -1.94 -27.61 10.10
N ARG A 176 -2.86 -28.34 9.49
CA ARG A 176 -2.50 -29.52 8.73
C ARG A 176 -1.87 -29.17 7.38
N GLN A 177 -1.22 -30.16 6.78
CA GLN A 177 -0.69 -30.02 5.42
C GLN A 177 -1.77 -30.42 4.41
N TYR A 178 -1.71 -29.85 3.20
CA TYR A 178 -2.68 -30.14 2.16
C TYR A 178 -1.99 -30.39 0.82
N ASN A 179 -2.20 -31.59 0.26
CA ASN A 179 -1.64 -31.94 -1.04
C ASN A 179 -2.37 -31.21 -2.17
N ALA A 180 -1.73 -31.18 -3.34
CA ALA A 180 -2.24 -30.48 -4.51
C ALA A 180 -3.72 -30.77 -4.81
N GLN A 181 -4.14 -32.02 -4.65
CA GLN A 181 -5.53 -32.40 -4.92
C GLN A 181 -6.50 -31.90 -3.85
N GLU A 182 -6.09 -32.00 -2.58
CA GLU A 182 -6.86 -31.42 -1.46
C GLU A 182 -7.02 -29.91 -1.65
N ALA A 183 -5.99 -29.28 -2.19
CA ALA A 183 -6.00 -27.86 -2.48
C ALA A 183 -6.94 -27.55 -3.63
N LEU A 184 -6.89 -28.38 -4.67
CA LEU A 184 -7.76 -28.20 -5.84
C LEU A 184 -9.22 -28.41 -5.47
N ASP A 185 -9.48 -29.40 -4.63
CA ASP A 185 -10.85 -29.79 -4.26
C ASP A 185 -11.55 -28.73 -3.42
N MET A 186 -10.79 -27.94 -2.67
CA MET A 186 -11.36 -26.86 -1.87
C MET A 186 -11.43 -25.53 -2.64
N GLY A 187 -10.77 -25.48 -3.80
CA GLY A 187 -10.79 -24.30 -4.66
C GLY A 187 -9.63 -23.35 -4.43
N LEU A 188 -8.70 -23.75 -3.55
CA LEU A 188 -7.55 -22.93 -3.21
C LEU A 188 -6.62 -22.68 -4.41
N VAL A 189 -6.40 -23.73 -5.22
CA VAL A 189 -5.54 -23.62 -6.40
C VAL A 189 -6.35 -23.81 -7.67
N ASN A 190 -5.82 -23.32 -8.79
CA ASN A 190 -6.55 -23.32 -10.06
C ASN A 190 -6.45 -24.61 -10.86
N THR A 191 -5.22 -25.09 -11.10
CA THR A 191 -5.00 -26.38 -11.74
C THR A 191 -3.85 -27.13 -11.06
N VAL A 192 -3.85 -28.45 -11.25
CA VAL A 192 -2.74 -29.27 -10.80
C VAL A 192 -2.16 -30.04 -11.99
N VAL A 193 -0.87 -29.83 -12.24
CA VAL A 193 -0.15 -30.51 -13.32
C VAL A 193 1.10 -31.22 -12.79
N PRO A 194 1.48 -32.36 -13.41
CA PRO A 194 2.70 -33.08 -13.01
C PRO A 194 3.92 -32.16 -12.94
N LEU A 195 4.77 -32.36 -11.93
CA LEU A 195 5.94 -31.51 -11.65
C LEU A 195 6.78 -31.14 -12.87
N GLU A 196 6.90 -32.08 -13.80
CA GLU A 196 7.65 -31.89 -15.05
C GLU A 196 7.05 -30.82 -15.96
N LYS A 197 5.74 -30.64 -15.87
CA LYS A 197 4.99 -29.78 -16.79
C LYS A 197 4.65 -28.40 -16.23
N VAL A 198 5.07 -28.13 -14.98
CA VAL A 198 4.68 -26.91 -14.29
C VAL A 198 5.38 -25.64 -14.81
N GLU A 199 6.54 -25.80 -15.44
CA GLU A 199 7.22 -24.68 -16.09
C GLU A 199 6.49 -24.28 -17.37
N ASP A 200 6.02 -25.28 -18.12
CA ASP A 200 5.02 -25.07 -19.16
C ASP A 200 3.73 -24.68 -18.44
N GLU A 201 2.59 -24.84 -19.09
CA GLU A 201 1.27 -24.66 -18.43
C GLU A 201 1.11 -23.26 -17.81
N THR A 202 2.03 -22.91 -16.90
CA THR A 202 2.11 -21.57 -16.33
C THR A 202 2.38 -20.54 -17.43
N VAL A 203 3.25 -20.90 -18.37
CA VAL A 203 3.52 -20.07 -19.54
C VAL A 203 2.30 -20.05 -20.48
N GLN A 204 1.66 -21.22 -20.63
CA GLN A 204 0.44 -21.33 -21.43
C GLN A 204 -0.65 -20.42 -20.88
N TRP A 205 -0.81 -20.44 -19.56
CA TRP A 205 -1.70 -19.53 -18.84
C TRP A 205 -1.39 -18.07 -19.16
N CYS A 206 -0.12 -17.68 -18.99
CA CYS A 206 0.33 -16.31 -19.24
C CYS A 206 0.12 -15.89 -20.70
N LYS A 207 0.53 -16.76 -21.62
CA LYS A 207 0.33 -16.57 -23.06
C LYS A 207 -1.14 -16.32 -23.39
N GLU A 208 -2.02 -16.91 -22.58
CA GLU A 208 -3.46 -16.77 -22.74
C GLU A 208 -3.96 -15.40 -22.25
N ILE A 209 -3.27 -14.82 -21.27
CA ILE A 209 -3.61 -13.49 -20.74
C ILE A 209 -3.21 -12.39 -21.73
N MET A 210 -2.03 -12.53 -22.31
CA MET A 210 -1.44 -11.52 -23.19
C MET A 210 -2.19 -11.38 -24.51
N LYS A 211 -3.18 -12.25 -24.72
CA LYS A 211 -4.11 -12.16 -25.85
C LYS A 211 -5.17 -11.11 -25.54
N HIS A 212 -5.43 -10.89 -24.26
CA HIS A 212 -6.50 -10.01 -23.81
C HIS A 212 -6.03 -8.60 -23.46
N SER A 213 -6.98 -7.67 -23.47
CA SER A 213 -6.72 -6.26 -23.21
C SER A 213 -6.18 -5.98 -21.82
N PRO A 214 -4.90 -5.53 -21.72
CA PRO A 214 -4.25 -5.23 -20.45
C PRO A 214 -5.01 -4.21 -19.59
N THR A 215 -5.74 -3.31 -20.24
CA THR A 215 -6.50 -2.27 -19.56
C THR A 215 -7.78 -2.83 -18.93
N ALA A 216 -8.45 -3.73 -19.65
CA ALA A 216 -9.63 -4.40 -19.13
C ALA A 216 -9.26 -5.26 -17.93
N LEU A 217 -8.06 -5.84 -17.96
CA LEU A 217 -7.58 -6.69 -16.89
C LEU A 217 -7.22 -5.91 -15.62
N ARG A 218 -6.65 -4.72 -15.79
CA ARG A 218 -6.26 -3.88 -14.65
C ARG A 218 -7.47 -3.35 -13.88
N PHE A 219 -8.56 -3.10 -14.61
CA PHE A 219 -9.82 -2.68 -14.02
C PHE A 219 -10.48 -3.81 -13.24
N LEU A 220 -10.51 -4.99 -13.87
CA LEU A 220 -11.09 -6.18 -13.25
C LEU A 220 -10.34 -6.60 -12.01
N LYS A 221 -9.01 -6.44 -12.02
CA LYS A 221 -8.19 -6.72 -10.85
C LYS A 221 -8.54 -5.74 -9.73
N ALA A 222 -8.63 -4.46 -10.08
CA ALA A 222 -8.99 -3.41 -9.13
C ALA A 222 -10.42 -3.56 -8.65
N ALA A 223 -11.27 -4.14 -9.49
CA ALA A 223 -12.66 -4.40 -9.13
C ALA A 223 -12.76 -5.53 -8.12
N MET A 224 -11.90 -6.54 -8.27
CA MET A 224 -11.86 -7.67 -7.34
C MET A 224 -11.29 -7.27 -6.00
N ASN A 225 -10.39 -6.30 -5.99
CA ASN A 225 -9.82 -5.78 -4.74
C ASN A 225 -10.81 -4.90 -3.98
N ALA A 226 -11.56 -4.07 -4.74
CA ALA A 226 -12.56 -3.18 -4.18
C ALA A 226 -13.73 -3.95 -3.56
N ASP A 227 -13.86 -5.22 -3.95
CA ASP A 227 -14.88 -6.10 -3.41
C ASP A 227 -14.62 -6.36 -1.93
N THR A 228 -13.35 -6.54 -1.58
CA THR A 228 -12.95 -6.93 -0.23
C THR A 228 -12.34 -5.78 0.58
N ASP A 229 -11.50 -4.97 -0.06
CA ASP A 229 -10.69 -3.95 0.63
C ASP A 229 -11.37 -2.59 0.78
N GLY A 230 -12.70 -2.58 0.86
CA GLY A 230 -13.47 -1.36 1.09
C GLY A 230 -12.99 -0.12 0.34
N LEU A 231 -12.42 0.81 1.08
CA LEU A 231 -12.04 2.12 0.54
C LEU A 231 -10.61 2.20 0.01
N ALA A 232 -9.80 1.18 0.32
CA ALA A 232 -8.45 1.06 -0.21
C ALA A 232 -8.48 0.44 -1.59
N GLY A 233 -9.49 -0.40 -1.84
CA GLY A 233 -9.68 -1.03 -3.13
C GLY A 233 -10.33 -0.07 -4.10
N LEU A 234 -11.26 0.73 -3.61
CA LEU A 234 -11.93 1.74 -4.41
C LEU A 234 -10.95 2.78 -4.94
N GLN A 235 -9.89 3.03 -4.17
CA GLN A 235 -8.79 3.92 -4.59
C GLN A 235 -8.17 3.45 -5.89
N GLN A 236 -7.92 2.14 -5.97
CA GLN A 236 -7.32 1.53 -7.14
C GLN A 236 -8.24 1.68 -8.35
N MET A 237 -9.52 1.35 -8.14
CA MET A 237 -10.57 1.54 -9.14
C MET A 237 -10.62 2.98 -9.66
N ALA A 238 -10.57 3.93 -8.72
CA ALA A 238 -10.56 5.36 -9.02
C ALA A 238 -9.34 5.75 -9.86
N GLY A 239 -8.17 5.22 -9.49
CA GLY A 239 -6.91 5.56 -10.16
C GLY A 239 -6.86 5.10 -11.60
N ASP A 240 -7.46 3.93 -11.84
CA ASP A 240 -7.59 3.40 -13.19
C ASP A 240 -8.62 4.20 -13.98
N ALA A 241 -9.68 4.65 -13.30
CA ALA A 241 -10.68 5.51 -13.89
C ALA A 241 -10.06 6.84 -14.30
N THR A 242 -9.44 7.53 -13.35
CA THR A 242 -8.73 8.79 -13.58
C THR A 242 -7.72 8.65 -14.73
N LEU A 243 -7.11 7.47 -14.83
CA LEU A 243 -6.17 7.17 -15.91
C LEU A 243 -6.85 7.11 -17.28
N LEU A 244 -7.98 6.42 -17.36
CA LEU A 244 -8.76 6.34 -18.60
C LEU A 244 -9.46 7.65 -18.93
N TYR A 245 -9.96 8.33 -17.90
CA TYR A 245 -10.57 9.64 -18.08
C TYR A 245 -9.56 10.64 -18.63
N TYR A 246 -8.32 10.57 -18.12
CA TYR A 246 -7.22 11.39 -18.64
C TYR A 246 -7.07 11.29 -20.15
N THR A 247 -7.26 10.09 -20.69
CA THR A 247 -7.06 9.84 -22.12
C THR A 247 -8.21 10.31 -23.02
N THR A 248 -9.31 10.74 -22.40
CA THR A 248 -10.50 11.19 -23.15
C THR A 248 -10.39 12.66 -23.56
N ASP A 249 -10.90 12.98 -24.75
CA ASP A 249 -10.88 14.34 -25.29
C ASP A 249 -11.44 15.38 -24.34
N GLU A 250 -12.42 14.96 -23.54
CA GLU A 250 -13.05 15.83 -22.54
C GLU A 250 -12.02 16.36 -21.55
N ALA A 251 -11.27 15.44 -20.93
CA ALA A 251 -10.25 15.80 -19.94
C ALA A 251 -9.20 16.72 -20.52
N LYS A 252 -8.74 16.43 -21.74
CA LYS A 252 -7.79 17.28 -22.45
C LYS A 252 -8.23 18.73 -22.44
N GLU A 253 -9.52 18.95 -22.69
CA GLU A 253 -10.10 20.29 -22.75
C GLU A 253 -10.01 21.00 -21.41
N GLY A 254 -10.21 20.25 -20.33
CA GLY A 254 -10.16 20.80 -18.97
C GLY A 254 -8.79 21.31 -18.57
N ARG A 255 -7.73 20.61 -19.02
CA ARG A 255 -6.37 21.00 -18.70
C ARG A 255 -5.76 21.96 -19.72
N ASP A 256 -6.30 21.95 -20.94
CA ASP A 256 -5.92 22.94 -21.95
C ASP A 256 -6.39 24.32 -21.53
N ALA A 257 -7.62 24.40 -21.03
CA ALA A 257 -8.20 25.67 -20.56
C ALA A 257 -7.43 26.28 -19.40
N PHE A 258 -6.76 25.42 -18.62
CA PHE A 258 -5.93 25.89 -17.52
C PHE A 258 -4.65 26.54 -18.02
N LYS A 259 -3.99 25.90 -18.98
CA LYS A 259 -2.79 26.43 -19.61
C LYS A 259 -3.10 27.62 -20.51
N GLU A 260 -4.34 27.74 -20.94
CA GLU A 260 -4.80 28.86 -21.77
C GLU A 260 -5.47 29.96 -20.94
N LYS A 261 -5.47 29.78 -19.62
CA LYS A 261 -6.02 30.74 -18.65
C LYS A 261 -7.48 31.14 -18.85
N ARG A 262 -8.15 30.51 -19.82
CA ARG A 262 -9.57 30.79 -20.10
C ARG A 262 -10.50 29.74 -19.48
N ASP A 263 -11.80 29.92 -19.69
CA ASP A 263 -12.80 28.99 -19.15
C ASP A 263 -12.93 27.71 -19.98
N PRO A 264 -13.11 26.57 -19.29
CA PRO A 264 -13.30 25.28 -19.96
C PRO A 264 -14.63 25.18 -20.67
N ASP A 265 -14.63 24.57 -21.85
CA ASP A 265 -15.85 24.40 -22.63
C ASP A 265 -16.20 22.93 -22.83
N PHE A 266 -16.91 22.36 -21.87
CA PHE A 266 -17.43 21.00 -21.98
C PHE A 266 -18.81 21.02 -22.65
N ASP A 267 -19.01 22.04 -23.48
CA ASP A 267 -20.27 22.30 -24.20
C ASP A 267 -20.61 21.17 -25.15
N GLN A 268 -19.72 20.92 -26.11
CA GLN A 268 -19.96 19.89 -27.12
C GLN A 268 -19.14 18.63 -26.86
N PHE A 269 -19.62 17.83 -25.92
CA PHE A 269 -19.05 16.53 -25.62
C PHE A 269 -20.19 15.56 -25.31
N PRO A 270 -20.11 14.32 -25.85
CA PRO A 270 -21.19 13.35 -25.70
C PRO A 270 -21.50 13.01 -24.24
N LYS A 271 -22.72 13.30 -23.82
CA LYS A 271 -23.17 12.99 -22.47
C LYS A 271 -24.01 11.72 -22.46
N PHE A 272 -23.49 10.68 -21.80
CA PHE A 272 -24.15 9.38 -21.74
C PHE A 272 -25.08 9.27 -20.52
N PRO A 273 -26.30 8.75 -20.73
CA PRO A 273 -27.24 8.50 -19.64
C PRO A 273 -26.81 7.34 -18.74
N TRP B 6 18.06 23.93 15.16
CA TRP B 6 16.67 24.45 15.05
C TRP B 6 15.84 23.64 14.06
N GLU B 7 16.53 23.06 13.07
CA GLU B 7 15.97 22.03 12.16
C GLU B 7 17.06 21.44 11.26
N THR B 8 17.24 20.11 11.36
CA THR B 8 18.35 19.41 10.70
C THR B 8 17.89 18.73 9.41
N LEU B 9 18.74 18.74 8.39
CA LEU B 9 18.31 18.46 7.01
C LEU B 9 19.02 17.32 6.27
N ARG B 10 18.22 16.50 5.60
CA ARG B 10 18.72 15.62 4.54
CA ARG B 10 18.69 15.59 4.55
C ARG B 10 17.98 15.96 3.24
N GLU B 11 18.74 16.42 2.26
CA GLU B 11 18.19 17.10 1.09
C GLU B 11 17.70 16.27 -0.10
N TYR B 12 16.89 16.92 -0.92
CA TYR B 12 16.37 16.37 -2.17
C TYR B 12 16.37 17.50 -3.21
N ASP B 13 15.82 17.24 -4.39
CA ASP B 13 15.75 18.25 -5.45
C ASP B 13 14.47 19.08 -5.44
N GLU B 14 13.34 18.44 -5.13
CA GLU B 14 12.03 19.13 -5.19
C GLU B 14 11.26 19.17 -3.86
N ILE B 15 11.83 18.55 -2.82
CA ILE B 15 11.26 18.66 -1.48
C ILE B 15 12.32 19.04 -0.45
N LYS B 16 11.87 19.23 0.80
CA LYS B 16 12.75 19.52 1.92
C LYS B 16 12.41 18.55 3.03
N TYR B 17 13.42 18.03 3.72
CA TYR B 17 13.23 16.99 4.73
C TYR B 17 14.03 17.31 5.98
N GLU B 18 13.31 17.51 7.07
CA GLU B 18 13.90 18.07 8.30
C GLU B 18 13.51 17.32 9.57
N PHE B 19 14.33 17.50 10.61
CA PHE B 19 14.13 16.87 11.90
C PHE B 19 14.22 17.92 13.01
N TYR B 20 13.36 17.80 14.01
CA TYR B 20 13.37 18.67 15.18
C TYR B 20 12.74 17.96 16.39
N GLU B 21 13.60 17.53 17.31
CA GLU B 21 13.20 16.95 18.60
C GLU B 21 12.11 15.88 18.49
N GLY B 22 12.30 14.94 17.58
CA GLY B 22 11.35 13.86 17.36
C GLY B 22 10.42 14.10 16.19
N ILE B 23 10.26 15.36 15.81
CA ILE B 23 9.38 15.75 14.71
C ILE B 23 10.15 15.76 13.38
N ALA B 24 9.66 14.99 12.41
CA ALA B 24 10.19 15.03 11.05
C ALA B 24 9.24 15.82 10.16
N LYS B 25 9.79 16.75 9.39
CA LYS B 25 8.98 17.64 8.55
C LYS B 25 9.26 17.49 7.05
N VAL B 26 8.27 16.97 6.33
CA VAL B 26 8.31 16.87 4.88
C VAL B 26 7.73 18.17 4.32
N THR B 27 8.51 18.85 3.47
CA THR B 27 8.11 20.14 2.93
C THR B 27 8.24 20.13 1.41
N ILE B 28 7.15 20.44 0.72
CA ILE B 28 7.21 20.64 -0.73
C ILE B 28 7.93 21.96 -1.01
N ASN B 29 8.94 21.90 -1.87
CA ASN B 29 9.82 23.03 -2.13
C ASN B 29 9.67 23.57 -3.55
N ARG B 30 8.44 23.91 -3.92
CA ARG B 30 8.16 24.45 -5.25
C ARG B 30 7.18 25.65 -5.22
N PRO B 31 7.53 26.72 -4.46
CA PRO B 31 6.57 27.81 -4.25
C PRO B 31 6.20 28.60 -5.51
N GLU B 32 7.10 28.65 -6.49
CA GLU B 32 6.85 29.40 -7.74
C GLU B 32 5.62 28.89 -8.48
N VAL B 33 5.35 27.59 -8.38
CA VAL B 33 4.15 26.98 -8.98
C VAL B 33 3.11 26.65 -7.91
N ARG B 34 3.14 27.40 -6.81
CA ARG B 34 2.24 27.21 -5.66
C ARG B 34 2.29 25.79 -5.07
N ASN B 35 3.51 25.28 -4.92
CA ASN B 35 3.79 24.00 -4.26
C ASN B 35 3.11 22.78 -4.88
N ALA B 36 2.96 22.79 -6.20
CA ALA B 36 2.40 21.65 -6.93
C ALA B 36 3.42 20.52 -7.01
N PHE B 37 2.94 19.28 -6.96
CA PHE B 37 3.83 18.12 -7.09
C PHE B 37 3.94 17.63 -8.53
N THR B 38 5.02 16.91 -8.79
CA THR B 38 5.27 16.22 -10.06
C THR B 38 5.43 14.73 -9.75
N PRO B 39 5.45 13.86 -10.79
CA PRO B 39 5.83 12.48 -10.55
C PRO B 39 7.08 12.35 -9.66
N LYS B 40 8.10 13.15 -9.96
CA LYS B 40 9.38 13.16 -9.24
C LYS B 40 9.23 13.65 -7.79
N THR B 41 8.50 14.75 -7.61
CA THR B 41 8.26 15.34 -6.29
C THR B 41 7.57 14.32 -5.37
N VAL B 42 6.63 13.56 -5.93
CA VAL B 42 5.92 12.53 -5.19
C VAL B 42 6.87 11.39 -4.82
N ALA B 43 7.69 10.97 -5.78
CA ALA B 43 8.68 9.92 -5.55
C ALA B 43 9.59 10.25 -4.35
N GLU B 44 10.05 11.50 -4.30
CA GLU B 44 10.84 12.03 -3.19
C GLU B 44 10.11 11.96 -1.84
N MET B 45 8.82 12.29 -1.86
CA MET B 45 7.99 12.23 -0.66
C MET B 45 7.78 10.78 -0.18
N ILE B 46 7.56 9.88 -1.14
CA ILE B 46 7.44 8.46 -0.84
C ILE B 46 8.71 7.98 -0.12
N ASP B 47 9.87 8.36 -0.65
CA ASP B 47 11.16 8.05 -0.05
C ASP B 47 11.31 8.62 1.35
N ALA B 48 11.07 9.93 1.48
CA ALA B 48 11.25 10.63 2.76
C ALA B 48 10.32 10.11 3.84
N PHE B 49 9.09 9.75 3.46
CA PHE B 49 8.13 9.16 4.39
C PHE B 49 8.59 7.76 4.83
N SER B 50 9.09 6.98 3.87
CA SER B 50 9.61 5.63 4.14
C SER B 50 10.79 5.67 5.08
N ARG B 51 11.62 6.71 4.95
CA ARG B 51 12.76 6.91 5.85
C ARG B 51 12.27 7.31 7.23
N ALA B 52 11.23 8.15 7.26
CA ALA B 52 10.59 8.54 8.50
C ALA B 52 9.92 7.36 9.18
N ARG B 53 9.39 6.44 8.37
CA ARG B 53 8.80 5.20 8.87
C ARG B 53 9.83 4.39 9.66
N ASP B 54 11.07 4.38 9.17
CA ASP B 54 12.14 3.57 9.76
C ASP B 54 12.86 4.22 10.94
N ASP B 55 12.91 5.55 10.96
CA ASP B 55 13.69 6.27 11.98
C ASP B 55 13.07 6.15 13.36
N GLN B 56 13.79 5.45 14.24
CA GLN B 56 13.37 5.19 15.62
C GLN B 56 13.20 6.48 16.43
N ASN B 57 13.89 7.54 16.02
CA ASN B 57 13.82 8.84 16.69
C ASN B 57 12.68 9.71 16.18
N VAL B 58 12.05 9.28 15.08
CA VAL B 58 10.89 9.99 14.53
C VAL B 58 9.60 9.42 15.12
N SER B 59 8.81 10.29 15.75
CA SER B 59 7.56 9.90 16.39
C SER B 59 6.35 10.55 15.74
N VAL B 60 6.57 11.66 15.04
CA VAL B 60 5.49 12.41 14.39
C VAL B 60 5.99 13.05 13.10
N ILE B 61 5.15 13.05 12.08
CA ILE B 61 5.51 13.58 10.78
C ILE B 61 4.60 14.75 10.43
N VAL B 62 5.19 15.83 9.92
CA VAL B 62 4.40 16.97 9.46
C VAL B 62 4.61 17.21 7.98
N LEU B 63 3.50 17.38 7.28
CA LEU B 63 3.51 17.75 5.88
C LEU B 63 3.15 19.22 5.78
N THR B 64 3.97 19.98 5.08
CA THR B 64 3.76 21.41 4.94
C THR B 64 4.25 21.93 3.58
N GLY B 65 3.85 23.14 3.24
CA GLY B 65 4.35 23.84 2.06
C GLY B 65 5.53 24.71 2.46
N GLU B 66 6.23 25.23 1.45
CA GLU B 66 7.47 25.99 1.66
C GLU B 66 7.29 27.23 2.54
N GLY B 67 6.76 28.30 1.95
CA GLY B 67 6.48 29.51 2.71
C GLY B 67 5.01 29.56 3.08
N ASP B 68 4.47 30.77 3.20
CA ASP B 68 3.03 30.96 3.36
C ASP B 68 2.39 30.76 1.98
N LEU B 69 1.20 31.35 1.79
CA LEU B 69 0.53 31.39 0.48
C LEU B 69 0.17 30.01 -0.09
N ALA B 70 1.07 29.04 0.07
CA ALA B 70 0.91 27.75 -0.59
C ALA B 70 1.21 26.55 0.32
N PHE B 71 0.52 25.45 0.05
CA PHE B 71 0.74 24.17 0.71
C PHE B 71 0.89 23.11 -0.38
N CYS B 72 -0.13 23.02 -1.23
CA CYS B 72 -0.14 22.12 -2.39
C CYS B 72 -1.33 22.45 -3.29
N SER B 73 -1.07 22.60 -4.59
CA SER B 73 -2.12 22.94 -5.55
C SER B 73 -2.35 21.83 -6.57
N GLY B 74 -2.00 20.61 -6.20
CA GLY B 74 -2.20 19.43 -7.04
C GLY B 74 -0.99 19.07 -7.89
N GLY B 75 -1.25 18.46 -9.04
CA GLY B 75 -0.22 18.12 -10.01
C GLY B 75 -0.36 19.04 -11.21
N ASP B 76 0.69 19.79 -11.49
CA ASP B 76 0.65 20.84 -12.52
C ASP B 76 0.70 20.33 -13.95
N GLN B 77 1.52 19.32 -14.18
CA GLN B 77 1.85 18.83 -15.52
C GLN B 77 2.24 19.91 -16.52
N LYS B 78 3.55 20.18 -16.58
CA LYS B 78 4.13 21.15 -17.51
C LYS B 78 5.59 20.80 -17.79
N LYS B 79 6.21 20.07 -16.86
CA LYS B 79 7.63 19.67 -16.98
C LYS B 79 7.88 18.70 -18.14
N ILE B 91 3.80 6.72 -19.69
CA ILE B 91 3.07 7.97 -19.86
C ILE B 91 2.47 8.44 -18.52
N PRO B 92 2.83 9.64 -18.07
CA PRO B 92 2.45 10.12 -16.74
C PRO B 92 1.38 9.31 -16.09
N ARG B 93 1.77 8.36 -15.25
CA ARG B 93 0.85 7.65 -14.39
C ARG B 93 1.23 7.93 -12.96
N LEU B 94 0.34 7.59 -12.03
CA LEU B 94 -0.17 8.43 -10.95
C LEU B 94 0.21 7.88 -9.57
N ASN B 95 1.39 8.22 -9.11
CA ASN B 95 2.03 7.66 -7.91
C ASN B 95 1.68 8.44 -6.64
N VAL B 96 0.90 9.51 -6.80
CA VAL B 96 0.33 10.26 -5.68
C VAL B 96 -0.49 9.31 -4.82
N LEU B 97 -1.15 8.36 -5.48
CA LEU B 97 -2.01 7.38 -4.83
C LEU B 97 -1.21 6.46 -3.92
N ASP B 98 -0.03 6.05 -4.38
CA ASP B 98 0.90 5.26 -3.57
C ASP B 98 1.32 6.03 -2.32
N LEU B 99 1.54 7.34 -2.47
CA LEU B 99 1.91 8.21 -1.36
C LEU B 99 0.78 8.38 -0.34
N GLN B 100 -0.42 8.67 -0.82
CA GLN B 100 -1.61 8.74 0.02
C GLN B 100 -1.73 7.45 0.84
N ARG B 101 -1.70 6.32 0.14
CA ARG B 101 -1.79 5.00 0.74
C ARG B 101 -0.69 4.79 1.78
N LEU B 102 0.54 5.17 1.41
CA LEU B 102 1.69 5.07 2.31
C LEU B 102 1.51 5.87 3.59
N ILE B 103 1.07 7.13 3.47
CA ILE B 103 1.06 8.00 4.63
C ILE B 103 -0.06 7.71 5.64
N ARG B 104 -0.78 6.62 5.41
CA ARG B 104 -1.72 6.12 6.42
C ARG B 104 -1.39 4.70 6.88
N ILE B 105 -0.38 4.09 6.26
CA ILE B 105 0.18 2.83 6.77
C ILE B 105 1.38 3.07 7.69
N ILE B 106 1.81 4.33 7.80
CA ILE B 106 2.87 4.71 8.74
C ILE B 106 2.33 4.65 10.16
N PRO B 107 2.94 3.80 11.02
CA PRO B 107 2.47 3.67 12.40
C PRO B 107 2.76 4.92 13.23
N LYS B 108 3.06 6.03 12.54
CA LYS B 108 3.34 7.30 13.19
C LYS B 108 2.29 8.32 12.75
N PRO B 109 1.79 9.14 13.70
CA PRO B 109 0.83 10.21 13.42
C PRO B 109 1.41 11.27 12.49
N VAL B 110 0.64 11.63 11.47
CA VAL B 110 1.06 12.65 10.52
C VAL B 110 0.04 13.80 10.44
N ILE B 111 0.54 15.01 10.68
CA ILE B 111 -0.28 16.22 10.79
C ILE B 111 -0.05 17.14 9.59
N ALA B 112 -1.14 17.57 8.97
CA ALA B 112 -1.08 18.51 7.86
C ALA B 112 -1.03 19.94 8.35
N MET B 113 0.06 20.64 8.06
CA MET B 113 0.21 22.03 8.44
C MET B 113 0.00 22.92 7.20
N VAL B 114 -1.24 23.40 7.04
CA VAL B 114 -1.62 24.15 5.84
C VAL B 114 -1.56 25.66 6.08
N LYS B 115 -0.78 26.36 5.26
CA LYS B 115 -0.59 27.79 5.41
C LYS B 115 -0.95 28.59 4.15
N GLY B 116 -1.81 28.03 3.31
CA GLY B 116 -2.27 28.71 2.10
C GLY B 116 -3.28 27.91 1.30
N TYR B 117 -3.04 27.82 -0.01
CA TYR B 117 -3.91 27.06 -0.90
C TYR B 117 -3.65 25.56 -0.78
N ALA B 118 -4.69 24.83 -0.42
CA ALA B 118 -4.67 23.37 -0.43
C ALA B 118 -5.82 22.92 -1.33
N VAL B 119 -5.50 22.72 -2.60
CA VAL B 119 -6.53 22.44 -3.61
C VAL B 119 -6.18 21.28 -4.54
N GLY B 120 -7.21 20.60 -5.04
CA GLY B 120 -7.04 19.46 -5.94
C GLY B 120 -6.50 18.23 -5.24
N GLY B 121 -5.48 17.63 -5.83
CA GLY B 121 -4.75 16.54 -5.18
C GLY B 121 -3.90 17.07 -4.06
N GLY B 122 -3.89 18.39 -3.90
CA GLY B 122 -3.26 19.04 -2.77
C GLY B 122 -4.15 19.01 -1.54
N ASN B 123 -5.46 19.07 -1.78
CA ASN B 123 -6.43 18.99 -0.69
C ASN B 123 -6.66 17.57 -0.18
N VAL B 124 -6.64 16.60 -1.10
CA VAL B 124 -6.79 15.19 -0.75
C VAL B 124 -5.63 14.74 0.14
N LEU B 125 -4.42 15.23 -0.15
CA LEU B 125 -3.27 15.01 0.71
C LEU B 125 -3.52 15.55 2.12
N ASN B 126 -4.00 16.79 2.21
CA ASN B 126 -4.44 17.38 3.48
C ASN B 126 -5.44 16.48 4.20
N VAL B 127 -6.37 15.93 3.43
CA VAL B 127 -7.44 15.07 3.96
C VAL B 127 -6.86 13.76 4.51
N VAL B 128 -5.98 13.13 3.73
CA VAL B 128 -5.41 11.83 4.08
C VAL B 128 -4.65 11.84 5.42
N CYS B 129 -3.91 12.92 5.66
CA CYS B 129 -3.17 13.08 6.91
C CYS B 129 -4.12 13.04 8.10
N ASP B 130 -3.66 12.45 9.20
CA ASP B 130 -4.49 12.25 10.39
C ASP B 130 -5.18 13.51 10.87
N LEU B 131 -4.39 14.55 11.11
CA LEU B 131 -4.92 15.80 11.61
C LEU B 131 -4.46 16.95 10.73
N THR B 132 -5.23 18.04 10.76
CA THR B 132 -4.85 19.26 10.05
C THR B 132 -4.89 20.46 10.97
N ILE B 133 -3.73 21.11 11.08
CA ILE B 133 -3.62 22.40 11.71
C ILE B 133 -3.56 23.43 10.59
N ALA B 134 -4.39 24.46 10.69
CA ALA B 134 -4.48 25.47 9.65
C ALA B 134 -4.13 26.88 10.11
N ALA B 135 -3.23 27.52 9.37
CA ALA B 135 -3.01 28.96 9.48
C ALA B 135 -4.25 29.68 8.94
N ASP B 136 -4.58 30.82 9.53
CA ASP B 136 -5.81 31.54 9.23
C ASP B 136 -6.03 31.92 7.75
N ASN B 137 -4.95 31.88 6.97
CA ASN B 137 -5.01 32.22 5.54
C ASN B 137 -5.22 31.03 4.60
N ALA B 138 -5.55 29.88 5.19
CA ALA B 138 -5.72 28.63 4.44
C ALA B 138 -6.96 28.66 3.55
N ILE B 139 -6.84 28.01 2.39
CA ILE B 139 -7.93 27.92 1.41
C ILE B 139 -8.05 26.47 0.94
N PHE B 140 -9.21 25.86 1.19
CA PHE B 140 -9.43 24.45 0.86
C PHE B 140 -10.47 24.26 -0.26
N GLY B 141 -10.23 23.29 -1.12
CA GLY B 141 -11.16 23.02 -2.22
C GLY B 141 -10.61 22.07 -3.27
N GLN B 142 -11.47 21.70 -4.22
CA GLN B 142 -11.08 20.82 -5.32
C GLN B 142 -11.12 21.55 -6.66
N THR B 143 -10.40 21.00 -7.64
CA THR B 143 -10.34 21.56 -9.00
C THR B 143 -10.74 20.52 -10.05
N GLY B 144 -10.53 19.25 -9.71
CA GLY B 144 -10.80 18.09 -10.56
C GLY B 144 -11.67 18.25 -11.80
N PRO B 145 -13.01 18.34 -11.61
CA PRO B 145 -13.99 18.43 -12.70
C PRO B 145 -13.79 19.59 -13.67
N LYS B 146 -13.04 20.62 -13.26
CA LYS B 146 -12.75 21.77 -14.12
C LYS B 146 -11.43 21.60 -14.86
N VAL B 147 -10.51 20.85 -14.27
CA VAL B 147 -9.16 20.70 -14.82
C VAL B 147 -8.92 19.37 -15.54
N GLY B 148 -9.90 18.47 -15.49
CA GLY B 148 -9.83 17.21 -16.23
C GLY B 148 -9.36 16.00 -15.44
N SER B 149 -9.71 15.95 -14.16
CA SER B 149 -9.42 14.79 -13.32
C SER B 149 -10.43 14.68 -12.18
N PHE B 150 -10.12 13.81 -11.22
CA PHE B 150 -10.91 13.62 -10.00
C PHE B 150 -10.18 12.67 -9.06
N ASP B 151 -10.46 12.77 -7.77
CA ASP B 151 -9.98 11.79 -6.80
C ASP B 151 -11.16 11.01 -6.23
N ALA B 152 -11.55 9.97 -6.95
CA ALA B 152 -12.70 9.15 -6.59
C ALA B 152 -12.39 8.15 -5.46
N GLY B 153 -11.15 8.13 -4.98
CA GLY B 153 -10.74 7.25 -3.88
C GLY B 153 -10.92 7.93 -2.55
N TYR B 154 -9.80 8.16 -1.86
CA TYR B 154 -9.81 8.86 -0.56
C TYR B 154 -10.28 10.31 -0.67
N GLY B 155 -10.15 10.89 -1.87
CA GLY B 155 -10.62 12.25 -2.14
C GLY B 155 -12.13 12.40 -2.01
N SER B 156 -12.86 11.31 -2.25
CA SER B 156 -14.32 11.35 -2.23
C SER B 156 -14.92 10.64 -1.01
N GLY B 157 -14.76 9.32 -0.95
CA GLY B 157 -15.32 8.52 0.13
C GLY B 157 -14.82 8.95 1.49
N TYR B 158 -13.51 9.00 1.66
CA TYR B 158 -12.90 9.32 2.95
C TYR B 158 -13.23 10.75 3.42
N LEU B 159 -13.35 11.67 2.48
CA LEU B 159 -13.74 13.06 2.76
C LEU B 159 -15.14 13.11 3.37
N ALA B 160 -16.03 12.26 2.89
CA ALA B 160 -17.38 12.13 3.45
C ALA B 160 -17.36 11.64 4.89
N ARG B 161 -16.45 10.71 5.20
CA ARG B 161 -16.32 10.20 6.54
C ARG B 161 -15.66 11.20 7.52
N ILE B 162 -15.25 12.36 6.99
CA ILE B 162 -14.83 13.50 7.82
C ILE B 162 -15.90 14.59 7.84
N VAL B 163 -16.33 14.99 6.65
CA VAL B 163 -17.19 16.15 6.48
C VAL B 163 -18.68 15.81 6.46
N GLY B 164 -19.00 14.59 6.01
CA GLY B 164 -20.40 14.19 5.82
C GLY B 164 -20.75 14.22 4.35
N HIS B 165 -21.53 13.25 3.89
CA HIS B 165 -21.83 13.09 2.46
C HIS B 165 -22.40 14.33 1.77
N LYS B 166 -23.35 15.00 2.42
CA LYS B 166 -23.95 16.21 1.87
C LYS B 166 -22.88 17.25 1.54
N LYS B 167 -21.95 17.46 2.47
CA LYS B 167 -20.93 18.50 2.31
C LYS B 167 -19.77 18.03 1.43
N ALA B 168 -19.47 16.74 1.48
CA ALA B 168 -18.43 16.17 0.63
C ALA B 168 -18.84 16.20 -0.84
N ARG B 169 -20.10 15.91 -1.10
CA ARG B 169 -20.66 16.05 -2.45
C ARG B 169 -20.66 17.51 -2.93
N GLU B 170 -20.76 18.44 -1.98
CA GLU B 170 -20.72 19.86 -2.32
C GLU B 170 -19.38 20.27 -2.89
N ILE B 171 -18.30 19.97 -2.16
CA ILE B 171 -16.98 20.46 -2.53
C ILE B 171 -16.53 19.96 -3.92
N TRP B 172 -16.93 18.74 -4.27
CA TRP B 172 -16.58 18.16 -5.57
C TRP B 172 -17.44 18.67 -6.73
N TYR B 173 -18.72 18.95 -6.46
CA TYR B 173 -19.66 19.34 -7.51
C TYR B 173 -19.51 20.81 -7.91
N LEU B 174 -19.28 21.66 -6.92
CA LEU B 174 -19.18 23.10 -7.15
C LEU B 174 -17.74 23.60 -7.29
N CYS B 175 -16.79 22.84 -6.72
CA CYS B 175 -15.36 23.18 -6.76
C CYS B 175 -15.06 24.58 -6.23
N ARG B 176 -15.77 24.97 -5.17
CA ARG B 176 -15.59 26.29 -4.58
C ARG B 176 -14.43 26.29 -3.60
N GLN B 177 -13.99 27.50 -3.23
CA GLN B 177 -12.92 27.67 -2.25
C GLN B 177 -13.49 27.95 -0.87
N TYR B 178 -12.86 27.35 0.14
CA TYR B 178 -13.31 27.44 1.51
C TYR B 178 -12.20 27.98 2.40
N ASN B 179 -12.48 29.05 3.13
CA ASN B 179 -11.51 29.61 4.06
C ASN B 179 -11.36 28.73 5.30
N ALA B 180 -10.36 29.04 6.13
CA ALA B 180 -9.99 28.21 7.27
C ALA B 180 -11.16 27.97 8.23
N GLN B 181 -11.92 29.02 8.53
CA GLN B 181 -13.03 28.94 9.47
C GLN B 181 -14.17 28.07 8.95
N GLU B 182 -14.43 28.15 7.64
CA GLU B 182 -15.46 27.32 7.00
C GLU B 182 -15.07 25.84 7.06
N ALA B 183 -13.79 25.57 6.84
CA ALA B 183 -13.25 24.21 6.94
C ALA B 183 -13.41 23.68 8.36
N LEU B 184 -13.22 24.54 9.34
CA LEU B 184 -13.34 24.17 10.75
C LEU B 184 -14.77 23.78 11.11
N ASP B 185 -15.74 24.57 10.67
CA ASP B 185 -17.14 24.38 11.05
C ASP B 185 -17.77 23.16 10.38
N MET B 186 -17.34 22.85 9.15
CA MET B 186 -17.75 21.60 8.51
C MET B 186 -17.00 20.41 9.10
N GLY B 187 -15.77 20.67 9.57
CA GLY B 187 -14.97 19.67 10.28
C GLY B 187 -13.73 19.20 9.54
N LEU B 188 -13.38 19.91 8.46
CA LEU B 188 -12.23 19.54 7.63
C LEU B 188 -10.90 19.62 8.39
N VAL B 189 -10.70 20.72 9.11
CA VAL B 189 -9.48 20.93 9.90
C VAL B 189 -9.75 20.76 11.40
N ASN B 190 -8.72 20.37 12.15
CA ASN B 190 -8.86 20.23 13.60
C ASN B 190 -8.84 21.58 14.32
N THR B 191 -7.88 22.43 13.95
CA THR B 191 -7.70 23.71 14.62
C THR B 191 -7.33 24.82 13.63
N VAL B 192 -7.60 26.07 14.03
CA VAL B 192 -7.29 27.24 13.23
C VAL B 192 -6.57 28.29 14.09
N VAL B 193 -5.36 28.67 13.66
CA VAL B 193 -4.59 29.71 14.35
C VAL B 193 -4.14 30.81 13.39
N PRO B 194 -3.71 31.97 13.93
CA PRO B 194 -3.02 32.95 13.11
C PRO B 194 -1.78 32.38 12.40
N LEU B 195 -1.50 32.90 11.20
CA LEU B 195 -0.36 32.49 10.38
C LEU B 195 0.98 32.48 11.12
N GLU B 196 1.20 33.47 11.99
CA GLU B 196 2.45 33.61 12.75
C GLU B 196 2.69 32.45 13.72
N LYS B 197 1.61 31.90 14.25
CA LYS B 197 1.68 30.89 15.31
C LYS B 197 1.51 29.45 14.80
N VAL B 198 1.55 29.26 13.48
CA VAL B 198 1.28 27.96 12.87
C VAL B 198 2.51 27.02 12.82
N GLU B 199 3.71 27.59 12.90
CA GLU B 199 4.92 26.81 13.05
C GLU B 199 4.93 26.27 14.47
N ASP B 200 4.55 27.13 15.41
CA ASP B 200 4.18 26.73 16.77
C ASP B 200 2.83 26.04 16.67
N GLU B 201 2.21 25.71 17.80
CA GLU B 201 0.92 25.00 17.81
C GLU B 201 1.07 23.57 17.27
N THR B 202 1.56 23.47 16.03
CA THR B 202 1.88 22.18 15.41
C THR B 202 2.92 21.46 16.25
N VAL B 203 3.97 22.17 16.63
CA VAL B 203 5.00 21.62 17.53
C VAL B 203 4.40 21.28 18.89
N GLN B 204 3.48 22.12 19.38
CA GLN B 204 2.78 21.85 20.63
C GLN B 204 1.97 20.56 20.52
N TRP B 205 1.22 20.44 19.43
CA TRP B 205 0.47 19.23 19.09
C TRP B 205 1.41 18.01 19.10
N CYS B 206 2.54 18.14 18.42
CA CYS B 206 3.55 17.09 18.35
C CYS B 206 4.10 16.74 19.72
N LYS B 207 4.45 17.77 20.49
CA LYS B 207 4.94 17.62 21.87
C LYS B 207 3.93 16.86 22.72
N GLU B 208 2.66 17.18 22.54
CA GLU B 208 1.56 16.52 23.26
C GLU B 208 1.43 15.04 22.89
N ILE B 209 1.56 14.73 21.60
CA ILE B 209 1.48 13.35 21.12
C ILE B 209 2.68 12.52 21.57
N MET B 210 3.87 13.10 21.47
CA MET B 210 5.13 12.40 21.77
C MET B 210 5.27 11.93 23.22
N LYS B 211 4.39 12.41 24.10
CA LYS B 211 4.41 11.99 25.50
C LYS B 211 3.45 10.83 25.81
N HIS B 212 2.71 10.40 24.79
CA HIS B 212 1.88 9.20 24.86
C HIS B 212 2.61 8.03 24.21
N SER B 213 2.16 6.81 24.50
CA SER B 213 2.83 5.61 24.01
C SER B 213 2.64 5.42 22.50
N PRO B 214 3.75 5.20 21.77
CA PRO B 214 3.75 5.03 20.31
C PRO B 214 3.01 3.78 19.85
N THR B 215 2.97 2.75 20.70
CA THR B 215 2.31 1.49 20.35
C THR B 215 0.80 1.63 20.38
N ALA B 216 0.26 2.22 21.44
CA ALA B 216 -1.17 2.49 21.51
C ALA B 216 -1.59 3.43 20.37
N LEU B 217 -0.75 4.42 20.09
CA LEU B 217 -0.97 5.33 18.97
C LEU B 217 -1.05 4.60 17.63
N ARG B 218 -0.08 3.74 17.35
CA ARG B 218 -0.02 3.02 16.07
C ARG B 218 -1.20 2.06 15.89
N PHE B 219 -1.70 1.52 17.01
CA PHE B 219 -2.86 0.65 17.00
C PHE B 219 -4.14 1.40 16.68
N LEU B 220 -4.40 2.48 17.42
CA LEU B 220 -5.57 3.31 17.16
C LEU B 220 -5.59 3.78 15.72
N LYS B 221 -4.43 4.20 15.22
CA LYS B 221 -4.25 4.58 13.82
C LYS B 221 -4.73 3.47 12.87
N ALA B 222 -4.37 2.23 13.21
CA ALA B 222 -4.74 1.07 12.40
C ALA B 222 -6.22 0.75 12.54
N ALA B 223 -6.76 1.02 13.73
CA ALA B 223 -8.16 0.79 14.04
C ALA B 223 -9.05 1.75 13.27
N MET B 224 -8.54 2.98 13.09
CA MET B 224 -9.25 4.01 12.33
C MET B 224 -9.27 3.68 10.85
N ASN B 225 -8.14 3.18 10.34
CA ASN B 225 -8.04 2.74 8.94
C ASN B 225 -8.91 1.50 8.67
N ALA B 226 -8.86 0.53 9.58
CA ALA B 226 -9.62 -0.72 9.46
C ALA B 226 -11.12 -0.49 9.45
N ASP B 227 -11.57 0.53 10.19
CA ASP B 227 -12.96 0.98 10.18
C ASP B 227 -13.47 1.31 8.78
N THR B 228 -12.57 1.78 7.91
CA THR B 228 -12.95 2.22 6.57
C THR B 228 -12.31 1.42 5.40
N ASP B 229 -11.03 1.08 5.53
CA ASP B 229 -10.31 0.37 4.47
C ASP B 229 -10.62 -1.12 4.34
N GLY B 230 -11.69 -1.57 4.98
CA GLY B 230 -12.11 -2.98 4.91
C GLY B 230 -10.99 -3.96 5.23
N LEU B 231 -10.76 -4.91 4.34
CA LEU B 231 -9.79 -5.99 4.54
C LEU B 231 -8.33 -5.53 4.50
N ALA B 232 -8.07 -4.44 3.78
CA ALA B 232 -6.73 -3.86 3.69
C ALA B 232 -6.35 -3.17 5.01
N GLY B 233 -7.33 -2.47 5.60
CA GLY B 233 -7.17 -1.87 6.92
C GLY B 233 -7.09 -2.92 8.00
N LEU B 234 -7.65 -4.10 7.73
CA LEU B 234 -7.56 -5.22 8.65
C LEU B 234 -6.13 -5.76 8.69
N GLN B 235 -5.47 -5.75 7.53
CA GLN B 235 -4.08 -6.21 7.44
C GLN B 235 -3.19 -5.36 8.33
N GLN B 236 -3.50 -4.06 8.39
CA GLN B 236 -2.75 -3.11 9.22
C GLN B 236 -2.93 -3.40 10.70
N MET B 237 -4.19 -3.52 11.11
CA MET B 237 -4.54 -3.87 12.49
C MET B 237 -3.93 -5.20 12.93
N ALA B 238 -4.02 -6.21 12.08
CA ALA B 238 -3.44 -7.51 12.36
C ALA B 238 -1.92 -7.48 12.35
N GLY B 239 -1.35 -6.74 11.40
CA GLY B 239 0.10 -6.60 11.28
C GLY B 239 0.75 -6.08 12.55
N ASP B 240 0.10 -5.10 13.18
CA ASP B 240 0.56 -4.55 14.45
C ASP B 240 0.22 -5.49 15.61
N ALA B 241 -0.79 -6.34 15.40
CA ALA B 241 -1.16 -7.35 16.39
C ALA B 241 -0.09 -8.44 16.51
N THR B 242 0.44 -8.89 15.36
CA THR B 242 1.46 -9.95 15.36
C THR B 242 2.83 -9.46 15.83
N LEU B 243 3.09 -8.16 15.72
CA LEU B 243 4.32 -7.55 16.25
C LEU B 243 4.35 -7.62 17.77
N LEU B 244 3.23 -7.25 18.39
CA LEU B 244 3.07 -7.35 19.84
C LEU B 244 3.13 -8.81 20.29
N TYR B 245 2.61 -9.70 19.46
CA TYR B 245 2.67 -11.12 19.71
C TYR B 245 4.11 -11.64 19.70
N TYR B 246 4.93 -11.13 18.77
CA TYR B 246 6.35 -11.47 18.70
C TYR B 246 7.09 -11.21 20.03
N THR B 247 6.72 -10.12 20.69
CA THR B 247 7.40 -9.67 21.92
C THR B 247 6.99 -10.43 23.18
N THR B 248 6.04 -11.35 23.05
CA THR B 248 5.58 -12.15 24.19
C THR B 248 6.38 -13.44 24.32
N ASP B 249 6.50 -13.93 25.56
CA ASP B 249 7.29 -15.12 25.84
C ASP B 249 6.69 -16.43 25.31
N GLU B 250 5.37 -16.43 25.06
CA GLU B 250 4.72 -17.60 24.49
C GLU B 250 4.82 -17.64 22.96
N ALA B 251 5.33 -16.56 22.37
CA ALA B 251 5.54 -16.48 20.93
C ALA B 251 6.94 -16.92 20.58
N LYS B 252 7.92 -16.40 21.30
CA LYS B 252 9.33 -16.69 21.07
C LYS B 252 9.65 -18.15 21.36
N GLU B 253 8.99 -18.70 22.38
CA GLU B 253 9.16 -20.11 22.75
C GLU B 253 8.56 -21.03 21.68
N GLY B 254 7.56 -20.53 20.96
CA GLY B 254 7.02 -21.23 19.80
C GLY B 254 8.02 -21.25 18.65
N ARG B 255 8.74 -20.14 18.49
CA ARG B 255 9.75 -20.00 17.44
C ARG B 255 11.06 -20.70 17.82
N ASP B 256 11.33 -20.78 19.12
CA ASP B 256 12.53 -21.44 19.63
C ASP B 256 12.44 -22.96 19.50
N ALA B 257 11.26 -23.51 19.76
CA ALA B 257 11.02 -24.94 19.65
C ALA B 257 11.18 -25.43 18.20
N PHE B 258 10.86 -24.57 17.25
CA PHE B 258 11.07 -24.88 15.83
C PHE B 258 12.57 -24.90 15.50
N LYS B 259 13.31 -23.95 16.06
CA LYS B 259 14.75 -23.86 15.88
C LYS B 259 15.49 -25.03 16.53
N GLU B 260 14.98 -25.47 17.68
CA GLU B 260 15.61 -26.54 18.46
C GLU B 260 15.14 -27.95 18.07
N LYS B 261 14.22 -28.01 17.11
CA LYS B 261 13.66 -29.26 16.57
C LYS B 261 12.90 -30.09 17.61
N ARG B 262 12.06 -29.41 18.40
CA ARG B 262 11.19 -30.11 19.37
C ARG B 262 9.77 -29.54 19.40
N ASP B 263 8.86 -30.27 20.03
CA ASP B 263 7.46 -29.87 20.15
C ASP B 263 7.30 -28.67 21.08
N PRO B 264 6.53 -27.66 20.65
CA PRO B 264 6.34 -26.45 21.45
C PRO B 264 5.47 -26.68 22.68
N ASP B 265 5.82 -26.01 23.78
CA ASP B 265 5.06 -26.09 25.02
C ASP B 265 4.49 -24.72 25.40
N PHE B 266 3.31 -24.42 24.85
CA PHE B 266 2.56 -23.23 25.22
C PHE B 266 1.77 -23.51 26.50
N ASP B 267 1.83 -24.77 26.93
CA ASP B 267 0.99 -25.31 28.01
C ASP B 267 1.03 -24.50 29.31
N GLN B 268 2.21 -24.02 29.69
CA GLN B 268 2.34 -23.19 30.89
C GLN B 268 2.59 -21.73 30.54
N PHE B 269 1.52 -21.07 30.09
CA PHE B 269 1.48 -19.64 29.87
C PHE B 269 0.06 -19.18 30.20
N PRO B 270 -0.07 -18.09 30.99
CA PRO B 270 -1.37 -17.60 31.42
C PRO B 270 -2.39 -17.47 30.28
N LYS B 271 -3.57 -18.05 30.48
CA LYS B 271 -4.68 -17.92 29.54
C LYS B 271 -5.52 -16.69 29.88
N PHE B 272 -6.31 -16.23 28.91
CA PHE B 272 -7.23 -15.11 29.09
C PHE B 272 -8.61 -15.45 28.56
N PRO B 273 -9.66 -14.84 29.14
CA PRO B 273 -11.04 -15.08 28.66
C PRO B 273 -11.48 -14.09 27.58
N1A CAA C . 12.70 -21.08 8.76
C2A CAA C . 13.95 -21.48 8.91
N3A CAA C . 14.40 -22.58 8.31
C4A CAA C . 13.60 -23.31 7.53
C5A CAA C . 12.30 -22.92 7.35
C6A CAA C . 11.84 -21.77 7.99
N6A CAA C . 10.59 -21.37 7.84
N7A CAA C . 11.71 -23.80 6.55
C8A CAA C . 12.63 -24.72 6.23
N9A CAA C . 13.78 -24.43 6.83
C1B CAA C . 15.04 -25.21 6.72
C2B CAA C . 15.29 -26.08 7.95
O2B CAA C . 15.78 -25.29 9.04
C3B CAA C . 16.38 -26.99 7.42
O3B CAA C . 17.65 -26.34 7.48
P3B CAA C . 18.97 -27.10 8.04
O7A CAA C . 19.48 -28.12 7.10
O8A CAA C . 20.03 -25.92 8.33
O9A CAA C . 18.57 -27.68 9.50
C4B CAA C . 15.99 -27.16 5.94
O4B CAA C . 14.95 -26.19 5.67
C5B CAA C . 15.45 -28.58 5.64
O5B CAA C . 14.65 -29.05 6.73
P1A CAA C . 13.51 -30.15 6.50
O1A CAA C . 12.59 -30.14 7.84
O2A CAA C . 14.02 -31.52 6.21
O3A CAA C . 12.58 -29.60 5.30
P2A CAA C . 11.06 -30.07 5.16
O4A CAA C . 10.91 -31.44 5.98
O5A CAA C . 10.64 -30.26 3.75
O6A CAA C . 10.13 -28.98 5.95
CBP CAA C . 10.14 -27.34 7.91
CCP CAA C . 10.72 -27.79 6.54
CDP CAA C . 9.58 -28.76 8.25
CEP CAA C . 11.58 -27.03 8.32
CAP CAA C . 9.30 -26.28 7.15
OAP CAA C . 8.48 -26.87 6.14
C9P CAA C . 8.43 -25.58 8.19
O9P CAA C . 7.42 -26.12 8.64
N8P CAA C . 8.84 -24.36 8.56
C7P CAA C . 8.11 -23.56 9.56
C6P CAA C . 7.41 -22.38 8.89
C5P CAA C . 7.62 -21.05 9.64
O5P CAA C . 8.45 -20.96 10.54
N4P CAA C . 6.84 -20.05 9.22
C3P CAA C . 6.88 -18.69 9.79
C2P CAA C . 5.72 -17.84 9.28
S1P CAA C . 6.22 -16.29 8.43
C1 CAA C . 6.48 -15.21 9.82
O1 CAA C . 5.59 -14.41 10.12
C2 CAA C . 7.79 -15.27 10.66
C3 CAA C . 8.61 -13.97 10.62
O3 CAA C . 9.74 -13.95 10.13
C4 CAA C . 8.05 -12.68 11.23
#